data_3MRI
#
_entry.id   3MRI
#
_cell.length_a   52.407
_cell.length_b   80.506
_cell.length_c   55.904
_cell.angle_alpha   90.000
_cell.angle_beta   112.440
_cell.angle_gamma   90.000
#
_symmetry.space_group_name_H-M   'P 1 21 1'
#
loop_
_entity.id
_entity.type
_entity.pdbx_description
1 polymer 'HLA class I histocompatibility antigen, A-2 alpha chain'
2 polymer Beta-2-microglobulin
3 polymer '9-meric peptide from Serine protease/NTPase/helicase NS3'
4 water water
#
loop_
_entity_poly.entity_id
_entity_poly.type
_entity_poly.pdbx_seq_one_letter_code
_entity_poly.pdbx_strand_id
1 'polypeptide(L)'
;GSHSMRYFFTSVSRPGRGEPRFIAVGYVDDTQFVRFDSDAASQRMEPRAPWIEQEGPEYWDGETRKVKAHSQTHRVDLGT
LRGYYNQSEAGSHTVQRMYGCDVGSDWRFLRGYHQYAYDGKDYIALKEDLRSWTAADMAAQTTKHKWEAAHVAEQLRAYL
EGTCVEWLRRYLENGKETLQRTDAPKTHMTHHAVSDHEATLRCWALSFYPAEITLTWQRDGEDQTQDTELVETRPAGDGT
FQKWVAVVVPSGQEQRYTCHVQHEGLPKPLTLRWEPGSLHHILDAQKMVWNHR
;
A
2 'polypeptide(L)'
;MIQRTPKIQVYSRHPAENGKSNFLNCYVSGFHPSDIEVDLLKNGERIEKVEHSDLSFSKDWSFYLLYYTEFTPTEKDEYA
CRVNHVTLSQPKIVKWDRDM
;
B
3 'polypeptide(L)' CINMWCWTV P
#
# COMPACT_ATOMS: atom_id res chain seq x y z
N GLY A 1 10.56 -19.43 -5.42
CA GLY A 1 10.21 -18.06 -4.96
C GLY A 1 10.15 -17.04 -6.08
N SER A 2 9.03 -16.35 -6.18
CA SER A 2 8.88 -15.24 -7.13
C SER A 2 8.98 -13.90 -6.42
N HIS A 3 9.49 -12.92 -7.14
CA HIS A 3 9.63 -11.57 -6.61
C HIS A 3 9.10 -10.61 -7.66
N SER A 4 8.71 -9.44 -7.18
CA SER A 4 8.13 -8.41 -8.03
C SER A 4 8.80 -7.08 -7.82
N MET A 5 8.98 -6.34 -8.93
CA MET A 5 9.28 -4.93 -8.88
C MET A 5 8.12 -4.15 -9.46
N ARG A 6 7.58 -3.19 -8.68
CA ARG A 6 6.44 -2.40 -9.13
C ARG A 6 6.61 -0.88 -8.99
N TYR A 7 5.99 -0.13 -9.92
CA TYR A 7 5.99 1.34 -9.92
C TYR A 7 4.58 1.91 -9.92
N PHE A 8 4.30 2.80 -8.98
CA PHE A 8 2.97 3.41 -8.78
C PHE A 8 2.97 4.93 -8.95
N PHE A 9 2.26 5.42 -9.98
CA PHE A 9 2.16 6.86 -10.29
C PHE A 9 0.78 7.48 -10.02
N THR A 10 0.77 8.71 -9.55
CA THR A 10 -0.51 9.37 -9.30
C THR A 10 -0.36 10.81 -9.69
N SER A 11 -1.31 11.34 -10.46
CA SER A 11 -1.33 12.78 -10.76
C SER A 11 -2.72 13.31 -10.52
N VAL A 12 -2.79 14.37 -9.71
CA VAL A 12 -4.03 15.04 -9.39
C VAL A 12 -3.97 16.47 -9.94
N SER A 13 -4.81 16.76 -10.93
CA SER A 13 -4.91 18.11 -11.50
C SER A 13 -5.20 19.15 -10.42
N ARG A 14 -4.65 20.33 -10.62
CA ARG A 14 -4.79 21.44 -9.71
C ARG A 14 -5.43 22.57 -10.51
N PRO A 15 -6.72 22.46 -10.82
CA PRO A 15 -7.25 23.52 -11.67
C PRO A 15 -7.35 24.78 -10.82
N GLY A 16 -7.30 25.94 -11.45
CA GLY A 16 -7.28 27.15 -10.64
C GLY A 16 -5.87 27.70 -10.61
N ARG A 17 -4.87 26.85 -10.39
CA ARG A 17 -3.49 27.29 -10.57
C ARG A 17 -2.44 26.17 -10.56
N GLY A 18 -1.70 26.05 -11.66
CA GLY A 18 -0.47 25.27 -11.66
C GLY A 18 -0.54 23.92 -12.33
N GLU A 19 0.61 23.24 -12.35
CA GLU A 19 0.77 21.85 -12.74
C GLU A 19 0.14 20.92 -11.70
N PRO A 20 -0.17 19.67 -12.10
CA PRO A 20 -0.75 18.70 -11.18
C PRO A 20 0.25 18.25 -10.13
N ARG A 21 -0.27 17.68 -9.05
CA ARG A 21 0.55 17.09 -8.01
C ARG A 21 0.92 15.71 -8.50
N PHE A 22 2.19 15.37 -8.50
CA PHE A 22 2.63 14.07 -9.04
C PHE A 22 3.50 13.29 -8.07
N ILE A 23 2.96 12.19 -7.58
CA ILE A 23 3.68 11.35 -6.68
C ILE A 23 3.96 9.99 -7.33
N ALA A 24 5.21 9.56 -7.28
CA ALA A 24 5.64 8.28 -7.88
C ALA A 24 6.46 7.50 -6.85
N VAL A 25 6.11 6.24 -6.62
CA VAL A 25 6.84 5.40 -5.66
C VAL A 25 7.16 4.06 -6.26
N GLY A 26 8.31 3.49 -5.90
CA GLY A 26 8.73 2.18 -6.41
C GLY A 26 8.88 1.21 -5.26
N TYR A 27 8.54 -0.05 -5.52
CA TYR A 27 8.60 -1.15 -4.54
C TYR A 27 9.28 -2.39 -5.09
N VAL A 28 10.04 -3.09 -4.25
CA VAL A 28 10.34 -4.50 -4.50
C VAL A 28 9.49 -5.28 -3.50
N ASP A 29 8.66 -6.19 -4.03
CA ASP A 29 7.71 -6.94 -3.21
C ASP A 29 7.05 -5.93 -2.27
N ASP A 30 7.22 -6.09 -0.98
CA ASP A 30 6.54 -5.23 -0.01
C ASP A 30 7.40 -4.05 0.51
N THR A 31 8.56 -3.83 -0.09
CA THR A 31 9.47 -2.74 0.33
C THR A 31 9.50 -1.55 -0.65
N GLN A 32 9.15 -0.35 -0.17
CA GLN A 32 9.36 0.87 -0.97
C GLN A 32 10.84 1.24 -1.02
N PHE A 33 11.37 1.53 -2.21
CA PHE A 33 12.77 1.93 -2.30
C PHE A 33 13.06 3.28 -2.95
N VAL A 34 12.09 3.83 -3.69
CA VAL A 34 12.26 5.15 -4.27
C VAL A 34 10.95 5.94 -4.18
N ARG A 35 11.07 7.26 -4.15
CA ARG A 35 9.92 8.14 -4.31
C ARG A 35 10.25 9.41 -5.11
N PHE A 36 9.25 9.92 -5.82
CA PHE A 36 9.32 11.28 -6.34
C PHE A 36 8.06 12.01 -5.93
N ASP A 37 8.21 13.30 -5.69
CA ASP A 37 7.06 14.11 -5.30
C ASP A 37 7.27 15.53 -5.80
N SER A 38 6.39 15.95 -6.71
CA SER A 38 6.47 17.27 -7.32
C SER A 38 6.42 18.44 -6.32
N ASP A 39 5.89 18.18 -5.12
CA ASP A 39 5.88 19.17 -4.03
C ASP A 39 7.21 19.24 -3.23
N ALA A 40 8.04 18.20 -3.31
CA ALA A 40 9.35 18.16 -2.64
C ALA A 40 10.34 19.17 -3.26
N ALA A 41 11.29 19.64 -2.45
CA ALA A 41 12.34 20.60 -2.89
C ALA A 41 13.33 20.03 -3.92
N SER A 42 13.84 18.84 -3.65
CA SER A 42 14.89 18.26 -4.44
C SER A 42 14.52 18.20 -5.92
N GLN A 43 13.28 17.78 -6.23
CA GLN A 43 12.85 17.56 -7.62
C GLN A 43 13.70 16.46 -8.22
N ARG A 44 14.05 15.51 -7.34
CA ARG A 44 14.90 14.38 -7.64
C ARG A 44 14.16 13.12 -7.19
N MET A 45 14.32 12.05 -7.94
CA MET A 45 14.01 10.72 -7.43
C MET A 45 14.86 10.54 -6.15
N GLU A 46 14.22 10.15 -5.04
CA GLU A 46 14.90 10.04 -3.73
C GLU A 46 14.95 8.58 -3.23
N PRO A 47 16.06 8.17 -2.56
CA PRO A 47 16.15 6.79 -2.02
C PRO A 47 15.27 6.61 -0.81
N ARG A 48 14.73 5.40 -0.63
CA ARG A 48 13.87 5.12 0.52
C ARG A 48 14.21 3.78 1.17
N ALA A 49 15.17 3.06 0.59
CA ALA A 49 15.73 1.84 1.19
C ALA A 49 17.26 1.92 1.20
N PRO A 50 17.90 1.40 2.25
CA PRO A 50 19.35 1.47 2.39
C PRO A 50 20.09 0.94 1.17
N TRP A 51 19.62 -0.17 0.63
CA TRP A 51 20.34 -0.88 -0.43
C TRP A 51 20.30 -0.20 -1.79
N ILE A 52 19.45 0.81 -1.96
CA ILE A 52 19.39 1.53 -3.25
C ILE A 52 20.41 2.69 -3.31
N GLU A 53 20.84 3.17 -2.14
CA GLU A 53 21.84 4.22 -2.07
C GLU A 53 23.18 3.73 -2.60
N GLN A 54 23.36 2.42 -2.60
CA GLN A 54 24.43 1.74 -3.32
C GLN A 54 24.60 2.33 -4.70
N GLU A 55 23.52 2.86 -5.27
CA GLU A 55 23.55 3.29 -6.67
C GLU A 55 24.17 4.68 -6.80
N GLY A 56 24.92 4.85 -7.90
CA GLY A 56 25.69 6.05 -8.17
C GLY A 56 24.88 7.25 -8.62
N PRO A 57 25.55 8.43 -8.74
CA PRO A 57 24.91 9.67 -9.17
C PRO A 57 24.22 9.51 -10.51
N GLU A 58 24.83 8.76 -11.42
CA GLU A 58 24.26 8.59 -12.75
C GLU A 58 22.94 7.83 -12.73
N TYR A 59 22.74 6.96 -11.74
CA TYR A 59 21.44 6.33 -11.56
C TYR A 59 20.40 7.38 -11.16
N TRP A 60 20.73 8.21 -10.19
CA TRP A 60 19.77 9.19 -9.72
C TRP A 60 19.48 10.27 -10.74
N ASP A 61 20.46 10.51 -11.63
CA ASP A 61 20.30 11.45 -12.74
C ASP A 61 19.44 10.83 -13.86
N GLY A 62 19.65 9.55 -14.11
CA GLY A 62 18.83 8.77 -15.07
C GLY A 62 17.38 8.64 -14.63
N GLU A 63 17.17 8.17 -13.41
CA GLU A 63 15.82 8.01 -12.86
C GLU A 63 15.02 9.31 -12.80
N THR A 64 15.69 10.43 -12.56
CA THR A 64 15.05 11.74 -12.35
C THR A 64 14.55 12.29 -13.69
N ARG A 65 15.42 12.18 -14.69
CA ARG A 65 15.09 12.60 -16.03
C ARG A 65 13.85 11.85 -16.48
N LYS A 66 13.87 10.52 -16.39
CA LYS A 66 12.75 9.67 -16.80
C LYS A 66 11.45 9.92 -16.06
N VAL A 67 11.52 10.25 -14.78
CA VAL A 67 10.31 10.39 -13.99
C VAL A 67 9.68 11.79 -14.11
N LYS A 68 10.49 12.79 -14.44
CA LYS A 68 9.93 14.12 -14.70
C LYS A 68 9.21 14.04 -16.03
N ALA A 69 9.78 13.26 -16.95
CA ALA A 69 9.15 13.01 -18.25
C ALA A 69 7.78 12.39 -18.07
N HIS A 70 7.67 11.49 -17.09
CA HIS A 70 6.44 10.78 -16.80
C HIS A 70 5.39 11.72 -16.23
N SER A 71 5.81 12.67 -15.40
CA SER A 71 4.89 13.64 -14.82
C SER A 71 4.34 14.53 -15.94
N GLN A 72 5.16 14.80 -16.95
CA GLN A 72 4.69 15.59 -18.09
C GLN A 72 3.67 14.84 -18.95
N THR A 73 3.90 13.55 -19.17
CA THR A 73 2.97 12.69 -19.92
C THR A 73 1.62 12.64 -19.21
N HIS A 74 1.63 12.65 -17.88
CA HIS A 74 0.40 12.64 -17.10
C HIS A 74 -0.31 13.95 -17.15
N ARG A 75 0.46 15.03 -17.24
CA ARG A 75 -0.08 16.38 -17.36
C ARG A 75 -0.90 16.50 -18.65
N VAL A 76 -0.33 16.05 -19.77
CA VAL A 76 -1.04 16.04 -21.06
C VAL A 76 -2.28 15.16 -20.94
N ASP A 77 -2.10 13.98 -20.32
CA ASP A 77 -3.18 13.00 -20.17
C ASP A 77 -4.36 13.65 -19.47
N LEU A 78 -4.14 14.27 -18.33
CA LEU A 78 -5.26 14.87 -17.63
C LEU A 78 -6.08 15.79 -18.54
N GLY A 79 -5.39 16.58 -19.38
CA GLY A 79 -6.07 17.50 -20.29
C GLY A 79 -6.80 16.79 -21.43
N THR A 80 -6.16 15.79 -22.02
CA THR A 80 -6.78 15.00 -23.07
C THR A 80 -8.07 14.30 -22.58
N LEU A 81 -8.07 13.83 -21.34
CA LEU A 81 -9.19 13.05 -20.81
C LEU A 81 -10.35 13.92 -20.31
N ARG A 82 -10.04 15.17 -19.97
CA ARG A 82 -11.07 16.15 -19.62
C ARG A 82 -12.00 16.35 -20.81
N GLY A 83 -11.42 16.14 -21.99
CA GLY A 83 -12.09 16.44 -23.25
C GLY A 83 -12.76 15.21 -23.78
N TYR A 84 -12.06 14.07 -23.74
CA TYR A 84 -12.66 12.78 -24.05
C TYR A 84 -13.97 12.60 -23.27
N TYR A 85 -13.94 12.98 -21.99
CA TYR A 85 -15.07 12.82 -21.08
C TYR A 85 -15.94 14.05 -20.92
N ASN A 86 -15.69 15.07 -21.74
CA ASN A 86 -16.48 16.30 -21.71
C ASN A 86 -16.72 16.87 -20.32
N GLN A 87 -15.62 17.05 -19.59
CA GLN A 87 -15.64 17.62 -18.26
C GLN A 87 -15.20 19.06 -18.30
N SER A 88 -15.58 19.83 -17.29
CA SER A 88 -15.16 21.24 -17.25
C SER A 88 -13.70 21.37 -16.83
N GLU A 89 -13.22 22.61 -16.84
CA GLU A 89 -11.88 22.92 -16.34
C GLU A 89 -11.91 23.25 -14.87
N ALA A 90 -13.11 23.28 -14.29
CA ALA A 90 -13.28 23.68 -12.89
C ALA A 90 -12.86 22.61 -11.87
N GLY A 91 -12.99 21.34 -12.27
CA GLY A 91 -12.87 20.24 -11.32
C GLY A 91 -11.53 19.53 -11.32
N SER A 92 -11.22 18.95 -10.16
CA SER A 92 -9.98 18.20 -9.96
C SER A 92 -10.14 16.74 -10.39
N HIS A 93 -9.14 16.22 -11.07
CA HIS A 93 -9.22 14.85 -11.58
C HIS A 93 -7.90 14.09 -11.35
N THR A 94 -7.95 12.75 -11.44
CA THR A 94 -6.82 11.88 -11.11
C THR A 94 -6.48 10.92 -12.24
N VAL A 95 -5.20 10.80 -12.58
CA VAL A 95 -4.71 9.64 -13.31
C VAL A 95 -3.80 8.77 -12.43
N GLN A 96 -3.86 7.45 -12.64
CA GLN A 96 -3.11 6.46 -11.88
C GLN A 96 -2.60 5.45 -12.86
N ARG A 97 -1.31 5.14 -12.74
CA ARG A 97 -0.67 4.11 -13.54
C ARG A 97 0.09 3.16 -12.62
N MET A 98 0.10 1.88 -12.98
CA MET A 98 0.93 0.91 -12.31
C MET A 98 1.51 -0.03 -13.37
N TYR A 99 2.83 -0.23 -13.30
CA TYR A 99 3.45 -1.33 -14.03
C TYR A 99 4.51 -2.08 -13.20
N GLY A 100 4.89 -3.25 -13.68
CA GLY A 100 5.91 -4.03 -13.02
C GLY A 100 6.22 -5.37 -13.65
N CYS A 101 7.17 -6.06 -13.06
CA CYS A 101 7.56 -7.36 -13.58
C CYS A 101 7.82 -8.26 -12.42
N ASP A 102 7.70 -9.57 -12.66
CA ASP A 102 8.10 -10.62 -11.70
C ASP A 102 9.18 -11.53 -12.29
N VAL A 103 10.01 -12.09 -11.41
CA VAL A 103 10.86 -13.23 -11.77
C VAL A 103 10.36 -14.43 -11.02
N GLY A 104 10.58 -15.62 -11.62
CA GLY A 104 10.31 -16.91 -10.98
C GLY A 104 11.43 -17.42 -10.07
N SER A 105 11.32 -18.69 -9.69
CA SER A 105 12.35 -19.37 -8.88
C SER A 105 13.59 -19.63 -9.71
N ASP A 106 13.39 -19.74 -11.03
CA ASP A 106 14.49 -19.94 -11.98
C ASP A 106 15.27 -18.63 -12.18
N TRP A 107 14.84 -17.58 -11.46
CA TRP A 107 15.33 -16.20 -11.60
C TRP A 107 15.07 -15.58 -12.98
N ARG A 108 14.24 -16.24 -13.77
CA ARG A 108 13.91 -15.82 -15.12
C ARG A 108 12.59 -15.05 -15.13
N PHE A 109 12.45 -14.15 -16.12
CA PHE A 109 11.19 -13.45 -16.36
C PHE A 109 9.98 -14.38 -16.22
N LEU A 110 9.05 -14.01 -15.35
CA LEU A 110 7.85 -14.81 -15.14
C LEU A 110 6.61 -14.12 -15.69
N ARG A 111 6.52 -12.80 -15.45
CA ARG A 111 5.30 -12.02 -15.64
C ARG A 111 5.59 -10.56 -15.90
N GLY A 112 4.71 -9.92 -16.68
CA GLY A 112 4.71 -8.46 -16.82
C GLY A 112 3.30 -7.88 -16.77
N TYR A 113 3.19 -6.58 -16.56
CA TYR A 113 1.88 -5.95 -16.39
C TYR A 113 1.94 -4.42 -16.29
N HIS A 114 0.83 -3.80 -16.65
CA HIS A 114 0.70 -2.35 -16.80
C HIS A 114 -0.78 -1.97 -16.84
N GLN A 115 -1.20 -1.10 -15.92
CA GLN A 115 -2.59 -0.67 -15.88
C GLN A 115 -2.75 0.83 -15.68
N TYR A 116 -3.82 1.40 -16.24
CA TYR A 116 -4.11 2.84 -16.23
C TYR A 116 -5.54 3.17 -15.74
N ALA A 117 -5.69 4.13 -14.85
CA ALA A 117 -7.02 4.51 -14.33
C ALA A 117 -7.29 6.02 -14.32
N TYR A 118 -8.52 6.37 -14.65
CA TYR A 118 -8.93 7.75 -14.68
C TYR A 118 -10.03 7.93 -13.64
N ASP A 119 -9.83 8.85 -12.73
CA ASP A 119 -10.74 9.05 -11.59
C ASP A 119 -11.17 7.75 -10.93
N GLY A 120 -10.21 6.85 -10.69
CA GLY A 120 -10.46 5.65 -9.94
C GLY A 120 -11.12 4.50 -10.68
N LYS A 121 -11.18 4.56 -12.00
CA LYS A 121 -11.83 3.51 -12.78
C LYS A 121 -10.85 3.02 -13.85
N ASP A 122 -10.89 1.72 -14.16
CA ASP A 122 -10.04 1.17 -15.21
C ASP A 122 -10.16 2.08 -16.42
N TYR A 123 -9.07 2.29 -17.13
CA TYR A 123 -9.13 2.96 -18.42
C TYR A 123 -8.54 2.04 -19.48
N ILE A 124 -7.28 1.66 -19.32
CA ILE A 124 -6.62 0.77 -20.27
C ILE A 124 -5.55 -0.06 -19.52
N ALA A 125 -5.39 -1.32 -19.92
CA ALA A 125 -4.43 -2.20 -19.30
C ALA A 125 -3.82 -3.01 -20.39
N LEU A 126 -2.59 -3.46 -20.16
CA LEU A 126 -1.93 -4.38 -21.06
C LEU A 126 -2.45 -5.79 -20.79
N LYS A 127 -2.60 -6.59 -21.85
CA LYS A 127 -3.03 -7.99 -21.72
C LYS A 127 -1.88 -8.85 -21.25
N GLU A 128 -2.21 -10.00 -20.66
CA GLU A 128 -1.22 -10.87 -20.03
C GLU A 128 -0.17 -11.34 -20.99
N ASP A 129 -0.53 -11.51 -22.27
CA ASP A 129 0.40 -11.95 -23.31
C ASP A 129 1.37 -10.86 -23.75
N LEU A 130 1.11 -9.63 -23.29
CA LEU A 130 1.97 -8.44 -23.55
C LEU A 130 2.08 -8.03 -25.02
N ARG A 131 1.09 -8.39 -25.83
CA ARG A 131 1.07 -8.01 -27.23
C ARG A 131 -0.10 -7.08 -27.57
N SER A 132 -0.99 -6.82 -26.62
CA SER A 132 -2.30 -6.24 -26.92
C SER A 132 -2.96 -5.60 -25.71
N TRP A 133 -3.91 -4.69 -25.95
CA TRP A 133 -4.51 -3.84 -24.89
C TRP A 133 -5.97 -4.15 -24.54
N THR A 134 -6.41 -3.71 -23.36
CA THR A 134 -7.83 -3.83 -22.99
C THR A 134 -8.41 -2.48 -22.62
N ALA A 135 -9.30 -1.96 -23.46
CA ALA A 135 -9.96 -0.66 -23.25
C ALA A 135 -11.28 -0.79 -22.51
N ALA A 136 -11.45 -0.07 -21.40
CA ALA A 136 -12.65 -0.15 -20.60
C ALA A 136 -13.89 0.45 -21.27
N ASP A 137 -13.70 1.45 -22.15
CA ASP A 137 -14.79 2.18 -22.83
C ASP A 137 -14.41 2.73 -24.20
N MET A 138 -15.22 3.64 -24.75
CA MET A 138 -14.99 4.15 -26.10
C MET A 138 -13.91 5.21 -26.17
N ALA A 139 -13.80 6.03 -25.12
CA ALA A 139 -12.60 6.85 -24.91
C ALA A 139 -11.35 5.98 -25.02
N ALA A 140 -11.19 5.02 -24.11
CA ALA A 140 -10.01 4.15 -24.08
C ALA A 140 -9.71 3.43 -25.41
N GLN A 141 -10.73 3.36 -26.28
CA GLN A 141 -10.64 2.72 -27.61
C GLN A 141 -9.85 3.58 -28.63
N THR A 142 -9.84 4.88 -28.38
CA THR A 142 -9.02 5.87 -29.09
C THR A 142 -7.53 5.66 -28.75
N THR A 143 -7.24 5.66 -27.44
CA THR A 143 -5.93 5.38 -26.88
C THR A 143 -5.31 4.05 -27.32
N LYS A 144 -6.15 3.01 -27.40
CA LYS A 144 -5.71 1.69 -27.84
C LYS A 144 -5.18 1.68 -29.28
N HIS A 145 -5.92 2.29 -30.20
CA HIS A 145 -5.49 2.39 -31.60
C HIS A 145 -4.22 3.25 -31.77
N LYS A 146 -4.18 4.40 -31.09
CA LYS A 146 -2.98 5.20 -31.03
C LYS A 146 -1.77 4.35 -30.62
N TRP A 147 -1.92 3.59 -29.53
CA TRP A 147 -0.82 2.77 -29.00
C TRP A 147 -0.52 1.54 -29.85
N GLU A 148 -1.55 0.95 -30.44
CA GLU A 148 -1.35 -0.08 -31.44
C GLU A 148 -0.48 0.46 -32.55
N ALA A 149 -0.85 1.63 -33.08
CA ALA A 149 -0.16 2.25 -34.20
C ALA A 149 1.30 2.59 -33.87
N ALA A 150 1.50 3.14 -32.68
CA ALA A 150 2.83 3.49 -32.18
C ALA A 150 3.74 2.29 -31.77
N HIS A 151 3.20 1.07 -31.84
CA HIS A 151 3.85 -0.16 -31.35
C HIS A 151 4.38 -0.04 -29.92
N VAL A 152 3.53 0.47 -29.04
CA VAL A 152 3.84 0.68 -27.64
C VAL A 152 4.05 -0.65 -26.91
N ALA A 153 3.15 -1.59 -27.13
CA ALA A 153 3.23 -2.90 -26.51
C ALA A 153 4.59 -3.60 -26.71
N GLU A 154 5.06 -3.63 -27.97
CA GLU A 154 6.33 -4.29 -28.31
C GLU A 154 7.54 -3.70 -27.59
N GLN A 155 7.48 -2.39 -27.36
CA GLN A 155 8.52 -1.65 -26.68
C GLN A 155 8.37 -1.81 -25.18
N LEU A 156 7.13 -1.85 -24.70
CA LEU A 156 6.86 -2.14 -23.30
C LEU A 156 7.27 -3.59 -23.00
N ARG A 157 6.98 -4.50 -23.92
CA ARG A 157 7.37 -5.90 -23.76
C ARG A 157 8.88 -6.03 -23.60
N ALA A 158 9.64 -5.39 -24.50
CA ALA A 158 11.10 -5.42 -24.48
C ALA A 158 11.64 -4.96 -23.14
N TYR A 159 11.02 -3.91 -22.57
CA TYR A 159 11.43 -3.40 -21.26
C TYR A 159 11.17 -4.41 -20.12
N LEU A 160 9.94 -4.93 -20.03
CA LEU A 160 9.52 -5.77 -18.90
C LEU A 160 10.22 -7.13 -18.89
N GLU A 161 10.53 -7.65 -20.08
CA GLU A 161 11.22 -8.93 -20.19
C GLU A 161 12.74 -8.73 -20.18
N GLY A 162 13.17 -7.47 -20.19
CA GLY A 162 14.58 -7.12 -20.23
C GLY A 162 14.94 -6.22 -19.08
N THR A 163 15.07 -4.94 -19.36
CA THR A 163 15.53 -3.96 -18.37
C THR A 163 14.90 -4.15 -16.99
N CYS A 164 13.59 -4.38 -16.95
CA CYS A 164 12.85 -4.51 -15.67
C CYS A 164 13.37 -5.67 -14.80
N VAL A 165 13.49 -6.84 -15.43
CA VAL A 165 13.82 -8.08 -14.74
C VAL A 165 15.30 -8.12 -14.33
N GLU A 166 16.16 -7.63 -15.23
CA GLU A 166 17.60 -7.43 -14.99
C GLU A 166 17.87 -6.58 -13.72
N TRP A 167 17.19 -5.44 -13.61
CA TRP A 167 17.34 -4.55 -12.46
C TRP A 167 16.68 -5.07 -11.22
N LEU A 168 15.65 -5.88 -11.38
CA LEU A 168 15.04 -6.61 -10.27
C LEU A 168 16.08 -7.54 -9.64
N ARG A 169 16.72 -8.36 -10.48
CA ARG A 169 17.77 -9.26 -10.01
C ARG A 169 18.86 -8.49 -9.26
N ARG A 170 19.21 -7.33 -9.80
CA ARG A 170 20.22 -6.46 -9.25
C ARG A 170 19.89 -6.05 -7.83
N TYR A 171 18.67 -5.53 -7.63
CA TYR A 171 18.22 -5.06 -6.30
C TYR A 171 18.08 -6.19 -5.28
N LEU A 172 17.69 -7.38 -5.75
CA LEU A 172 17.48 -8.51 -4.87
C LEU A 172 18.79 -8.92 -4.26
N GLU A 173 19.79 -8.94 -5.13
CA GLU A 173 21.15 -9.26 -4.73
C GLU A 173 21.73 -8.19 -3.81
N ASN A 174 21.68 -6.93 -4.25
CA ASN A 174 22.26 -5.84 -3.46
C ASN A 174 21.66 -5.76 -2.07
N GLY A 175 20.35 -5.98 -1.97
CA GLY A 175 19.64 -5.89 -0.69
C GLY A 175 19.08 -7.23 -0.22
N LYS A 176 19.90 -8.28 -0.26
CA LYS A 176 19.43 -9.61 0.13
C LYS A 176 19.28 -9.77 1.64
N GLU A 177 19.92 -8.90 2.40
CA GLU A 177 19.87 -8.98 3.84
C GLU A 177 18.45 -8.74 4.34
N THR A 178 17.71 -7.95 3.56
CA THR A 178 16.33 -7.63 3.88
C THR A 178 15.35 -8.10 2.82
N LEU A 179 15.64 -7.88 1.54
CA LEU A 179 14.70 -8.33 0.50
C LEU A 179 14.50 -9.85 0.42
N GLN A 180 15.54 -10.61 0.75
CA GLN A 180 15.47 -12.07 0.68
C GLN A 180 15.33 -12.70 2.08
N ARG A 181 15.04 -11.88 3.08
CA ARG A 181 14.82 -12.36 4.45
C ARG A 181 13.31 -12.42 4.71
N THR A 182 12.82 -13.57 5.18
CA THR A 182 11.44 -13.67 5.64
C THR A 182 11.40 -13.56 7.18
N ASP A 183 10.60 -12.62 7.71
CA ASP A 183 10.31 -12.60 9.14
C ASP A 183 9.00 -13.31 9.38
N ALA A 184 9.05 -14.40 10.16
CA ALA A 184 7.88 -15.15 10.60
C ALA A 184 7.12 -14.34 11.67
N PRO A 185 5.78 -14.45 11.69
CA PRO A 185 5.04 -13.70 12.70
C PRO A 185 5.41 -14.06 14.13
N LYS A 186 5.42 -13.06 14.99
CA LYS A 186 5.56 -13.33 16.41
C LYS A 186 4.14 -13.45 16.92
N THR A 187 3.73 -14.66 17.27
CA THR A 187 2.35 -14.85 17.64
C THR A 187 2.14 -14.89 19.16
N HIS A 188 0.96 -14.48 19.58
CA HIS A 188 0.47 -14.72 20.91
C HIS A 188 -1.05 -14.53 20.92
N MET A 189 -1.68 -14.86 22.05
CA MET A 189 -3.12 -14.85 22.18
C MET A 189 -3.46 -14.07 23.44
N THR A 190 -4.51 -13.24 23.39
CA THR A 190 -5.03 -12.58 24.60
C THR A 190 -6.47 -13.04 24.93
N HIS A 191 -6.90 -12.80 26.16
CA HIS A 191 -8.20 -13.26 26.67
C HIS A 191 -8.88 -12.15 27.51
N HIS A 192 -10.08 -11.75 27.13
CA HIS A 192 -10.79 -10.66 27.84
C HIS A 192 -12.20 -11.10 28.21
N ALA A 193 -12.54 -11.03 29.50
CA ALA A 193 -13.89 -11.33 29.93
C ALA A 193 -14.85 -10.18 29.62
N VAL A 194 -15.76 -10.44 28.70
CA VAL A 194 -16.83 -9.51 28.38
C VAL A 194 -17.98 -9.62 29.38
N SER A 195 -18.18 -10.82 29.94
CA SER A 195 -19.15 -11.05 31.04
C SER A 195 -18.76 -12.30 31.83
N ASP A 196 -19.63 -12.75 32.72
CA ASP A 196 -19.42 -13.97 33.50
C ASP A 196 -19.60 -15.25 32.67
N HIS A 197 -20.40 -15.19 31.62
CA HIS A 197 -20.70 -16.36 30.80
C HIS A 197 -19.78 -16.48 29.60
N GLU A 198 -19.10 -15.38 29.24
CA GLU A 198 -18.44 -15.24 27.92
C GLU A 198 -17.10 -14.53 28.00
N ALA A 199 -16.27 -14.76 26.98
CA ALA A 199 -14.93 -14.14 26.83
C ALA A 199 -14.51 -14.00 25.38
N THR A 200 -13.60 -13.06 25.11
CA THR A 200 -13.00 -12.83 23.77
C THR A 200 -11.58 -13.37 23.71
N LEU A 201 -11.29 -14.09 22.64
CA LEU A 201 -9.93 -14.60 22.41
C LEU A 201 -9.41 -13.89 21.19
N ARG A 202 -8.23 -13.28 21.33
CA ARG A 202 -7.66 -12.51 20.24
C ARG A 202 -6.32 -13.10 19.89
N CYS A 203 -6.15 -13.47 18.64
CA CYS A 203 -4.93 -14.07 18.18
C CYS A 203 -4.08 -13.11 17.35
N TRP A 204 -2.86 -12.81 17.82
CA TRP A 204 -2.00 -11.82 17.16
C TRP A 204 -0.87 -12.38 16.32
N ALA A 205 -0.70 -11.81 15.14
CA ALA A 205 0.51 -11.98 14.34
C ALA A 205 1.23 -10.62 14.18
N LEU A 206 2.39 -10.49 14.83
CA LEU A 206 3.20 -9.28 14.78
C LEU A 206 4.57 -9.43 14.09
N SER A 207 5.04 -8.33 13.49
CA SER A 207 6.42 -8.22 13.02
CA SER A 207 6.42 -8.18 13.02
C SER A 207 6.79 -9.16 11.88
N PHE A 208 5.84 -9.47 11.01
CA PHE A 208 6.15 -10.42 9.89
C PHE A 208 6.46 -9.73 8.57
N TYR A 209 7.10 -10.48 7.64
CA TYR A 209 7.39 -10.00 6.32
C TYR A 209 7.64 -11.21 5.39
N PRO A 210 7.03 -11.24 4.21
CA PRO A 210 6.10 -10.31 3.58
C PRO A 210 4.79 -10.06 4.33
N ALA A 211 3.90 -9.31 3.70
CA ALA A 211 2.61 -8.97 4.28
C ALA A 211 1.60 -10.11 4.16
N GLU A 212 1.75 -10.97 3.15
CA GLU A 212 0.82 -12.08 2.98
C GLU A 212 0.81 -13.00 4.19
N ILE A 213 -0.40 -13.23 4.73
CA ILE A 213 -0.59 -14.08 5.91
C ILE A 213 -2.02 -14.62 5.95
N THR A 214 -2.21 -15.75 6.64
CA THR A 214 -3.55 -16.29 6.89
C THR A 214 -3.73 -16.61 8.36
N LEU A 215 -4.80 -16.08 8.93
CA LEU A 215 -5.14 -16.30 10.35
C LEU A 215 -6.57 -16.79 10.45
N THR A 216 -6.77 -18.01 10.93
CA THR A 216 -8.11 -18.55 11.14
C THR A 216 -8.26 -19.24 12.50
N TRP A 217 -9.46 -19.11 13.09
CA TRP A 217 -9.88 -19.85 14.27
C TRP A 217 -10.55 -21.16 13.87
N GLN A 218 -10.21 -22.24 14.55
CA GLN A 218 -10.95 -23.51 14.46
C GLN A 218 -11.55 -23.90 15.80
N ARG A 219 -12.78 -24.43 15.79
CA ARG A 219 -13.38 -25.05 16.98
C ARG A 219 -13.54 -26.54 16.78
N ASP A 220 -12.92 -27.32 17.68
CA ASP A 220 -12.84 -28.78 17.60
C ASP A 220 -12.42 -29.21 16.20
N GLY A 221 -11.41 -28.53 15.67
CA GLY A 221 -10.79 -28.92 14.39
C GLY A 221 -11.52 -28.54 13.12
N GLU A 222 -12.52 -27.65 13.23
CA GLU A 222 -13.16 -27.06 12.04
C GLU A 222 -13.23 -25.55 12.08
N ASP A 223 -12.97 -24.96 10.92
CA ASP A 223 -12.97 -23.52 10.75
C ASP A 223 -14.22 -22.89 11.32
N GLN A 224 -14.03 -21.72 11.92
CA GLN A 224 -15.14 -20.98 12.46
C GLN A 224 -15.09 -19.49 12.07
N THR A 225 -16.13 -19.07 11.37
CA THR A 225 -16.23 -17.70 10.88
C THR A 225 -17.29 -16.92 11.65
N GLN A 226 -18.27 -17.65 12.20
CA GLN A 226 -19.30 -17.05 13.03
C GLN A 226 -18.72 -16.48 14.32
N ASP A 227 -19.21 -15.30 14.71
CA ASP A 227 -18.78 -14.56 15.91
C ASP A 227 -17.30 -14.15 15.94
N THR A 228 -16.70 -13.96 14.77
CA THR A 228 -15.29 -13.53 14.70
C THR A 228 -15.15 -12.14 14.07
N GLU A 229 -14.10 -11.42 14.48
CA GLU A 229 -13.62 -10.22 13.78
C GLU A 229 -12.20 -10.41 13.26
N LEU A 230 -11.93 -9.97 12.04
CA LEU A 230 -10.62 -10.10 11.39
C LEU A 230 -10.16 -8.76 10.81
N VAL A 231 -9.33 -8.00 11.55
CA VAL A 231 -8.80 -6.72 10.99
C VAL A 231 -7.90 -6.91 9.75
N GLU A 232 -7.90 -5.91 8.86
CA GLU A 232 -7.03 -5.95 7.69
CA GLU A 232 -7.03 -5.88 7.69
C GLU A 232 -5.55 -5.75 8.09
N THR A 233 -4.66 -6.40 7.33
CA THR A 233 -3.22 -6.34 7.57
C THR A 233 -2.74 -4.88 7.50
N ARG A 234 -1.88 -4.51 8.44
CA ARG A 234 -1.55 -3.12 8.69
C ARG A 234 -0.04 -3.00 8.85
N PRO A 235 0.57 -1.92 8.33
CA PRO A 235 2.04 -1.77 8.46
C PRO A 235 2.42 -1.35 9.87
N ALA A 236 3.47 -1.96 10.43
CA ALA A 236 3.94 -1.55 11.74
C ALA A 236 4.73 -0.24 11.60
N GLY A 237 5.37 -0.05 10.45
CA GLY A 237 6.04 1.22 10.16
C GLY A 237 7.53 1.14 10.34
N ASP A 238 8.03 -0.10 10.40
CA ASP A 238 9.44 -0.42 10.43
C ASP A 238 9.68 -1.48 9.39
N GLY A 239 8.76 -1.56 8.42
CA GLY A 239 8.91 -2.48 7.31
C GLY A 239 8.21 -3.81 7.53
N THR A 240 7.69 -4.01 8.73
CA THR A 240 6.99 -5.25 9.04
C THR A 240 5.49 -5.01 9.14
N PHE A 241 4.75 -6.10 9.30
CA PHE A 241 3.30 -6.02 9.32
C PHE A 241 2.64 -6.57 10.59
N GLN A 242 1.35 -6.32 10.73
CA GLN A 242 0.60 -6.77 11.89
C GLN A 242 -0.80 -7.20 11.50
N LYS A 243 -1.36 -8.10 12.31
CA LYS A 243 -2.71 -8.57 12.11
C LYS A 243 -3.23 -9.32 13.31
N TRP A 244 -4.53 -9.36 13.44
CA TRP A 244 -5.16 -10.16 14.46
C TRP A 244 -6.54 -10.60 14.08
N VAL A 245 -7.01 -11.64 14.77
CA VAL A 245 -8.30 -12.21 14.57
C VAL A 245 -8.86 -12.55 15.95
N ALA A 246 -10.15 -12.36 16.16
CA ALA A 246 -10.74 -12.57 17.47
C ALA A 246 -12.04 -13.38 17.46
N VAL A 247 -12.21 -14.27 18.45
CA VAL A 247 -13.47 -14.99 18.59
C VAL A 247 -14.08 -14.80 19.96
N VAL A 248 -15.40 -14.87 19.99
CA VAL A 248 -16.15 -14.76 21.23
C VAL A 248 -16.63 -16.16 21.60
N VAL A 249 -16.25 -16.57 22.82
CA VAL A 249 -16.49 -17.93 23.27
C VAL A 249 -17.16 -17.95 24.65
N PRO A 250 -17.85 -19.06 24.97
CA PRO A 250 -18.37 -19.23 26.32
C PRO A 250 -17.23 -19.54 27.29
N SER A 251 -17.20 -18.84 28.43
CA SER A 251 -16.22 -19.05 29.49
C SER A 251 -16.09 -20.51 29.92
N GLY A 252 -14.86 -21.00 30.03
CA GLY A 252 -14.62 -22.39 30.40
C GLY A 252 -14.44 -23.28 29.18
N GLN A 253 -14.73 -22.74 28.00
CA GLN A 253 -14.69 -23.53 26.77
C GLN A 253 -13.54 -23.20 25.84
N GLU A 254 -12.56 -22.48 26.35
CA GLU A 254 -11.48 -21.89 25.54
C GLU A 254 -10.61 -22.94 24.85
N GLN A 255 -10.57 -24.13 25.41
CA GLN A 255 -9.71 -25.23 24.97
C GLN A 255 -10.11 -25.83 23.62
N ARG A 256 -11.36 -25.62 23.22
CA ARG A 256 -11.90 -26.13 21.96
C ARG A 256 -11.37 -25.34 20.79
N TYR A 257 -10.98 -24.09 21.06
CA TYR A 257 -10.61 -23.16 20.03
C TYR A 257 -9.10 -23.05 19.84
N THR A 258 -8.68 -23.24 18.59
CA THR A 258 -7.30 -23.08 18.15
C THR A 258 -7.16 -21.98 17.09
N CYS A 259 -6.15 -21.12 17.23
CA CYS A 259 -5.73 -20.16 16.19
C CYS A 259 -4.72 -20.77 15.24
N HIS A 260 -4.90 -20.56 13.95
CA HIS A 260 -4.01 -21.15 12.94
C HIS A 260 -3.35 -20.13 12.04
N VAL A 261 -2.03 -20.08 12.11
CA VAL A 261 -1.25 -19.11 11.38
C VAL A 261 -0.55 -19.69 10.16
N GLN A 262 -0.75 -19.05 9.00
CA GLN A 262 0.00 -19.42 7.78
C GLN A 262 0.87 -18.27 7.24
N HIS A 263 2.16 -18.56 7.03
CA HIS A 263 3.15 -17.57 6.58
C HIS A 263 4.39 -18.21 5.99
N GLU A 264 4.89 -17.62 4.92
CA GLU A 264 6.13 -18.04 4.25
C GLU A 264 7.33 -18.19 5.18
N GLY A 265 7.37 -17.39 6.24
CA GLY A 265 8.46 -17.44 7.19
C GLY A 265 8.51 -18.70 8.03
N LEU A 266 7.40 -19.44 8.00
CA LEU A 266 7.24 -20.70 8.74
C LEU A 266 7.23 -21.88 7.74
N PRO A 267 8.07 -22.91 7.99
CA PRO A 267 8.03 -24.11 7.11
C PRO A 267 6.75 -24.96 7.34
N LYS A 268 6.18 -24.86 8.54
CA LYS A 268 5.01 -25.62 8.91
C LYS A 268 4.05 -24.64 9.62
N PRO A 269 2.74 -24.68 9.28
CA PRO A 269 1.73 -23.90 9.99
C PRO A 269 1.83 -23.98 11.52
N LEU A 270 1.31 -22.94 12.15
CA LEU A 270 1.40 -22.78 13.58
C LEU A 270 0.02 -23.00 14.17
N THR A 271 -0.04 -23.61 15.35
CA THR A 271 -1.29 -23.81 16.05
C THR A 271 -1.17 -23.29 17.47
N LEU A 272 -2.12 -22.47 17.89
CA LEU A 272 -2.05 -21.92 19.23
C LEU A 272 -3.27 -22.25 20.07
N ARG A 273 -3.06 -22.49 21.37
CA ARG A 273 -4.14 -22.82 22.31
C ARG A 273 -4.21 -21.87 23.49
N TRP A 274 -5.23 -22.05 24.34
CA TRP A 274 -5.35 -21.27 25.56
C TRP A 274 -4.79 -22.05 26.76
N MET B 1 -17.84 9.98 -11.04
CA MET B 1 -16.86 10.32 -9.97
C MET B 1 -17.06 9.42 -8.76
N ILE B 2 -16.25 8.36 -8.69
CA ILE B 2 -16.29 7.40 -7.58
C ILE B 2 -15.76 8.07 -6.31
N GLN B 3 -16.43 7.82 -5.20
CA GLN B 3 -16.01 8.40 -3.92
C GLN B 3 -16.13 7.38 -2.79
N ARG B 4 -14.96 6.89 -2.37
CA ARG B 4 -14.84 5.81 -1.40
C ARG B 4 -14.36 6.36 -0.07
N THR B 5 -15.01 5.89 0.99
CA THR B 5 -14.74 6.36 2.34
C THR B 5 -13.49 5.67 2.89
N PRO B 6 -12.63 6.43 3.61
CA PRO B 6 -11.47 5.86 4.27
C PRO B 6 -11.79 4.87 5.39
N LYS B 7 -11.09 3.74 5.38
CA LYS B 7 -11.04 2.85 6.52
C LYS B 7 -9.96 3.38 7.47
N ILE B 8 -10.18 3.27 8.78
CA ILE B 8 -9.24 3.80 9.78
C ILE B 8 -8.87 2.74 10.82
N GLN B 9 -7.58 2.62 11.12
CA GLN B 9 -7.08 1.81 12.23
C GLN B 9 -6.08 2.63 13.04
N VAL B 10 -6.26 2.67 14.35
CA VAL B 10 -5.35 3.40 15.21
C VAL B 10 -4.70 2.39 16.12
N TYR B 11 -3.37 2.37 16.17
CA TYR B 11 -2.62 1.34 16.89
C TYR B 11 -1.17 1.73 17.16
N SER B 12 -0.44 0.82 17.77
CA SER B 12 0.95 1.05 18.15
C SER B 12 1.86 0.09 17.42
N ARG B 13 3.07 0.51 17.14
CA ARG B 13 4.07 -0.33 16.50
C ARG B 13 4.47 -1.55 17.36
N HIS B 14 4.54 -1.37 18.69
CA HIS B 14 5.01 -2.44 19.55
C HIS B 14 3.99 -2.60 20.67
N PRO B 15 3.95 -3.79 21.28
CA PRO B 15 3.05 -4.01 22.39
C PRO B 15 3.12 -2.87 23.40
N ALA B 16 1.97 -2.30 23.72
CA ALA B 16 1.90 -1.13 24.58
C ALA B 16 2.32 -1.46 26.00
N GLU B 17 3.23 -0.65 26.54
CA GLU B 17 3.52 -0.64 27.98
C GLU B 17 3.51 0.79 28.45
N ASN B 18 2.94 1.00 29.64
CA ASN B 18 2.86 2.32 30.24
C ASN B 18 4.23 2.81 30.69
N GLY B 19 4.61 4.00 30.24
CA GLY B 19 5.93 4.56 30.55
C GLY B 19 7.04 4.19 29.59
N LYS B 20 6.74 3.41 28.57
CA LYS B 20 7.76 3.02 27.58
C LYS B 20 7.45 3.55 26.20
N SER B 21 8.43 4.27 25.67
CA SER B 21 8.38 4.90 24.38
C SER B 21 7.97 3.92 23.26
N ASN B 22 7.06 4.37 22.42
CA ASN B 22 6.50 3.57 21.34
C ASN B 22 6.22 4.50 20.17
N PHE B 23 5.42 4.03 19.23
CA PHE B 23 4.94 4.82 18.12
C PHE B 23 3.45 4.59 17.92
N LEU B 24 2.73 5.66 17.61
CA LEU B 24 1.29 5.58 17.37
C LEU B 24 1.01 5.74 15.89
N ASN B 25 0.38 4.73 15.29
CA ASN B 25 0.00 4.72 13.86
C ASN B 25 -1.49 5.01 13.55
N CYS B 26 -1.76 5.79 12.51
CA CYS B 26 -3.08 5.80 11.90
C CYS B 26 -2.98 5.35 10.44
N TYR B 27 -3.54 4.18 10.15
CA TYR B 27 -3.52 3.61 8.79
C TYR B 27 -4.85 3.86 8.10
N VAL B 28 -4.89 4.86 7.21
CA VAL B 28 -6.13 5.22 6.50
C VAL B 28 -6.03 4.54 5.15
N SER B 29 -7.08 3.85 4.73
CA SER B 29 -7.01 3.11 3.46
C SER B 29 -8.35 3.01 2.73
N GLY B 30 -8.31 2.52 1.49
CA GLY B 30 -9.53 2.33 0.72
C GLY B 30 -10.30 3.59 0.34
N PHE B 31 -9.62 4.74 0.35
CA PHE B 31 -10.25 6.01 -0.01
C PHE B 31 -9.98 6.47 -1.45
N HIS B 32 -10.89 7.29 -1.97
CA HIS B 32 -10.73 7.98 -3.25
C HIS B 32 -11.66 9.18 -3.15
N PRO B 33 -11.19 10.37 -3.58
CA PRO B 33 -9.87 10.65 -4.14
C PRO B 33 -8.80 10.80 -3.04
N SER B 34 -7.58 11.14 -3.45
CA SER B 34 -6.38 11.11 -2.60
C SER B 34 -6.33 12.20 -1.54
N ASP B 35 -7.10 13.25 -1.73
CA ASP B 35 -7.12 14.35 -0.80
C ASP B 35 -7.69 13.92 0.57
N ILE B 36 -6.91 14.11 1.63
CA ILE B 36 -7.31 13.63 2.96
C ILE B 36 -6.57 14.39 4.06
N GLU B 37 -7.23 14.54 5.20
CA GLU B 37 -6.63 15.24 6.32
C GLU B 37 -6.59 14.31 7.52
N VAL B 38 -5.39 14.01 8.00
CA VAL B 38 -5.22 13.08 9.13
C VAL B 38 -4.43 13.74 10.25
N ASP B 39 -5.01 13.71 11.45
CA ASP B 39 -4.38 14.27 12.66
C ASP B 39 -4.26 13.22 13.74
N LEU B 40 -3.19 13.30 14.52
CA LEU B 40 -3.06 12.48 15.71
C LEU B 40 -3.18 13.36 16.94
N LEU B 41 -3.79 12.82 17.98
CA LEU B 41 -4.25 13.63 19.08
C LEU B 41 -3.85 12.98 20.39
N LYS B 42 -3.51 13.82 21.36
CA LYS B 42 -3.25 13.42 22.73
C LYS B 42 -4.13 14.28 23.60
N ASN B 43 -5.09 13.64 24.27
CA ASN B 43 -6.10 14.35 25.08
C ASN B 43 -6.75 15.50 24.30
N GLY B 44 -7.28 15.17 23.12
CA GLY B 44 -7.95 16.14 22.25
C GLY B 44 -7.02 17.07 21.48
N GLU B 45 -5.96 17.56 22.12
CA GLU B 45 -4.99 18.47 21.49
C GLU B 45 -4.17 17.78 20.41
N ARG B 46 -4.20 18.36 19.21
CA ARG B 46 -3.48 17.89 18.02
C ARG B 46 -1.95 17.80 18.20
N ILE B 47 -1.36 16.71 17.68
CA ILE B 47 0.11 16.45 17.77
C ILE B 47 0.80 16.95 16.51
N GLU B 48 1.92 17.65 16.71
CA GLU B 48 2.60 18.37 15.64
C GLU B 48 3.76 17.64 14.95
N LYS B 49 4.37 16.67 15.65
CA LYS B 49 5.55 15.96 15.12
C LYS B 49 5.23 14.93 14.02
N VAL B 50 3.96 14.82 13.64
CA VAL B 50 3.43 13.72 12.80
C VAL B 50 4.07 13.60 11.41
N GLU B 51 4.40 12.37 11.02
CA GLU B 51 4.95 12.09 9.68
C GLU B 51 4.05 11.11 8.93
N HIS B 52 4.27 10.97 7.63
CA HIS B 52 3.46 10.04 6.87
C HIS B 52 4.19 9.39 5.70
N SER B 53 3.68 8.23 5.27
CA SER B 53 4.25 7.51 4.16
C SER B 53 3.90 8.23 2.87
N ASP B 54 4.56 7.84 1.79
CA ASP B 54 4.27 8.38 0.48
C ASP B 54 3.03 7.72 -0.11
N LEU B 55 2.11 8.54 -0.64
CA LEU B 55 0.87 8.07 -1.24
C LEU B 55 1.06 6.91 -2.23
N SER B 56 0.29 5.84 -2.03
CA SER B 56 0.27 4.71 -2.95
C SER B 56 -1.15 4.14 -3.00
N PHE B 57 -1.36 3.16 -3.88
CA PHE B 57 -2.69 2.59 -4.07
C PHE B 57 -2.63 1.08 -4.34
N SER B 58 -3.76 0.41 -4.10
CA SER B 58 -3.91 -1.05 -4.29
C SER B 58 -4.42 -1.35 -5.68
N LYS B 59 -4.43 -2.64 -6.06
CA LYS B 59 -4.96 -3.08 -7.38
C LYS B 59 -6.32 -2.46 -7.78
N ASP B 60 -7.18 -2.22 -6.79
CA ASP B 60 -8.49 -1.69 -7.08
C ASP B 60 -8.47 -0.16 -7.16
N TRP B 61 -7.25 0.42 -7.16
CA TRP B 61 -7.00 1.86 -7.36
C TRP B 61 -7.26 2.73 -6.10
N SER B 62 -7.69 2.12 -5.01
CA SER B 62 -7.97 2.95 -3.82
C SER B 62 -6.70 3.26 -3.04
N PHE B 63 -6.64 4.47 -2.48
CA PHE B 63 -5.39 4.96 -1.90
C PHE B 63 -5.09 4.37 -0.53
N TYR B 64 -3.88 4.60 -0.03
CA TYR B 64 -3.53 4.29 1.37
C TYR B 64 -2.30 5.07 1.88
N LEU B 65 -2.34 5.42 3.16
CA LEU B 65 -1.30 6.20 3.82
C LEU B 65 -1.15 5.78 5.27
N LEU B 66 0.05 5.94 5.83
CA LEU B 66 0.30 5.72 7.24
C LEU B 66 0.79 7.00 7.86
N TYR B 67 0.11 7.42 8.92
CA TYR B 67 0.53 8.54 9.75
C TYR B 67 1.03 8.03 11.09
N TYR B 68 2.18 8.53 11.53
CA TYR B 68 2.78 8.05 12.76
C TYR B 68 3.54 9.11 13.51
N THR B 69 3.64 8.92 14.82
CA THR B 69 4.46 9.75 15.69
C THR B 69 4.95 8.92 16.86
N GLU B 70 6.10 9.31 17.38
CA GLU B 70 6.64 8.73 18.60
C GLU B 70 5.72 9.12 19.75
N PHE B 71 5.52 8.22 20.71
CA PHE B 71 4.68 8.54 21.89
C PHE B 71 4.97 7.61 23.06
N THR B 72 4.36 7.93 24.21
CA THR B 72 4.47 7.14 25.43
C THR B 72 3.09 6.93 26.07
N PRO B 73 2.61 5.68 26.07
CA PRO B 73 1.35 5.34 26.75
C PRO B 73 1.45 5.57 28.26
N THR B 74 0.37 6.09 28.86
CA THR B 74 0.25 6.14 30.30
C THR B 74 -1.14 5.73 30.78
N GLU B 75 -1.22 5.49 32.09
CA GLU B 75 -2.46 5.19 32.78
C GLU B 75 -3.68 5.99 32.31
N LYS B 76 -3.55 7.31 32.28
CA LYS B 76 -4.72 8.20 32.13
C LYS B 76 -4.87 8.78 30.72
N ASP B 77 -3.74 8.92 30.02
CA ASP B 77 -3.67 9.63 28.74
C ASP B 77 -4.44 8.96 27.64
N GLU B 78 -5.28 9.74 26.96
CA GLU B 78 -6.07 9.23 25.86
C GLU B 78 -5.47 9.70 24.52
N TYR B 79 -5.40 8.78 23.54
CA TYR B 79 -4.83 9.04 22.21
C TYR B 79 -5.82 8.63 21.13
N ALA B 80 -5.99 9.47 20.10
CA ALA B 80 -6.94 9.19 19.03
C ALA B 80 -6.38 9.56 17.66
N CYS B 81 -7.06 9.12 16.59
CA CYS B 81 -6.76 9.55 15.19
C CYS B 81 -7.95 10.30 14.58
N ARG B 82 -7.73 11.56 14.18
CA ARG B 82 -8.78 12.38 13.52
C ARG B 82 -8.66 12.46 12.00
N VAL B 83 -9.68 11.98 11.30
CA VAL B 83 -9.65 11.90 9.82
C VAL B 83 -10.76 12.70 9.10
N ASN B 84 -10.37 13.56 8.16
CA ASN B 84 -11.35 14.18 7.30
C ASN B 84 -11.14 13.93 5.83
N HIS B 85 -12.25 13.69 5.15
CA HIS B 85 -12.27 13.40 3.73
C HIS B 85 -13.53 14.05 3.20
N VAL B 86 -13.60 14.16 1.88
CA VAL B 86 -14.72 14.79 1.20
C VAL B 86 -15.98 13.97 1.40
N THR B 87 -15.83 12.69 1.69
CA THR B 87 -16.94 11.79 1.94
C THR B 87 -17.41 11.84 3.40
N LEU B 88 -16.87 12.74 4.20
CA LEU B 88 -17.28 12.83 5.60
C LEU B 88 -17.87 14.18 5.92
N SER B 89 -19.07 14.15 6.50
CA SER B 89 -19.78 15.36 6.89
C SER B 89 -19.01 16.13 7.97
N GLN B 90 -18.53 15.44 9.00
CA GLN B 90 -17.58 16.01 9.98
C GLN B 90 -16.41 15.03 10.13
N PRO B 91 -15.29 15.47 10.75
CA PRO B 91 -14.18 14.57 11.07
C PRO B 91 -14.60 13.35 11.89
N LYS B 92 -14.12 12.18 11.48
CA LYS B 92 -14.33 10.93 12.19
C LYS B 92 -13.13 10.75 13.13
N ILE B 93 -13.40 10.60 14.43
CA ILE B 93 -12.35 10.44 15.44
C ILE B 93 -12.36 9.01 15.94
N VAL B 94 -11.25 8.30 15.75
CA VAL B 94 -11.11 6.92 16.25
C VAL B 94 -10.19 6.91 17.46
N LYS B 95 -10.64 6.23 18.51
CA LYS B 95 -9.91 6.19 19.75
C LYS B 95 -8.91 5.04 19.70
N TRP B 96 -7.72 5.25 20.29
CA TRP B 96 -6.74 4.17 20.41
C TRP B 96 -7.05 3.29 21.61
N ASP B 97 -7.15 1.99 21.33
CA ASP B 97 -7.35 0.95 22.33
C ASP B 97 -6.18 0.00 22.20
N ARG B 98 -5.43 -0.19 23.30
CA ARG B 98 -4.18 -0.97 23.30
C ARG B 98 -4.32 -2.48 23.11
N ASP B 99 -5.55 -2.99 23.16
CA ASP B 99 -5.76 -4.43 22.97
C ASP B 99 -6.22 -4.74 21.55
N MET B 100 -6.04 -3.77 20.65
CA MET B 100 -6.46 -3.89 19.23
C MET B 100 -5.54 -3.14 18.24
N CYS C 1 14.29 0.37 -11.57
CA CYS C 1 14.72 1.16 -12.72
C CYS C 1 13.55 1.33 -13.68
N ILE C 2 13.00 2.55 -13.74
CA ILE C 2 11.78 2.83 -14.47
C ILE C 2 11.91 2.80 -15.99
N ASN C 3 10.77 2.62 -16.64
CA ASN C 3 10.60 2.73 -18.07
C ASN C 3 10.73 4.19 -18.54
N MET C 4 11.03 4.36 -19.82
CA MET C 4 10.95 5.63 -20.51
CA MET C 4 10.91 5.67 -20.43
C MET C 4 9.52 5.76 -21.10
N TRP C 5 8.64 6.48 -20.42
CA TRP C 5 7.24 6.54 -20.79
C TRP C 5 6.81 7.85 -21.42
N CYS C 6 6.67 7.82 -22.75
CA CYS C 6 6.44 9.02 -23.53
C CYS C 6 5.18 9.01 -24.41
N TRP C 7 4.34 7.98 -24.30
CA TRP C 7 3.06 7.93 -25.02
C TRP C 7 1.89 8.47 -24.19
N THR C 8 1.17 9.41 -24.79
CA THR C 8 0.00 10.02 -24.14
C THR C 8 -1.23 9.22 -24.55
N VAL C 9 -2.30 9.39 -23.79
CA VAL C 9 -3.57 8.73 -24.08
C VAL C 9 -4.31 9.47 -25.20
#